data_8GYD
#
_entry.id   8GYD
#
_cell.length_a   64.149
_cell.length_b   64.149
_cell.length_c   227.652
_cell.angle_alpha   90
_cell.angle_beta   90
_cell.angle_gamma   120
#
_symmetry.space_group_name_H-M   'P 65'
#
loop_
_entity.id
_entity.type
_entity.pdbx_description
1 polymer 'Glutathione S-transferase class-mu 26 kDa isozyme'
2 non-polymer '(2R)-2-[[2-(5-chloranylthiophen-2-yl)-4-oxidanylidene-6-[2-(1H-1,2,3,4-tetrazol-5-yl)phenyl]quinazolin-3-yl]methyl]-3-(4-chlorophenyl)propanoic acid'
3 non-polymer ETHANOL
4 water water
#
_entity_poly.entity_id   1
_entity_poly.type   'polypeptide(L)'
_entity_poly.pdbx_seq_one_letter_code
;HHHHHHLEVLFQGPMSPILGYWKIKGLVQPTRLLLEYLEEKYEEHLYERDEGDKWRNKKFELGLEFPNLPYYIDGDVKLT
QSMAIIRYIADKHNMLGGCPKERAEISMLEGAVLDIRYGVSRIAYSKDFETLKVDFLSKLPEMLKMFEDRLCHKTYLNGD
HVTHPDFMLYDALDVVLYMDPMCLDAFPKLVCFKKRIEAIPQIDKYLKSSKYIAWPLQGWQATFGGGDHPPK
;
_entity_poly.pdbx_strand_id   A,B
#
# COMPACT_ATOMS: atom_id res chain seq x y z
N MET A 15 -4.35 -27.25 -13.94
CA MET A 15 -3.18 -26.37 -14.07
C MET A 15 -3.06 -25.50 -12.84
N SER A 16 -1.98 -25.71 -12.07
CA SER A 16 -1.76 -25.00 -10.83
C SER A 16 -1.44 -23.52 -11.08
N PRO A 17 -1.77 -22.67 -10.12
CA PRO A 17 -1.40 -21.25 -10.24
C PRO A 17 0.13 -21.07 -10.32
N ILE A 18 0.58 -20.00 -10.97
CA ILE A 18 1.97 -19.66 -11.07
C ILE A 18 2.22 -18.36 -10.35
N LEU A 19 3.26 -18.31 -9.53
CA LEU A 19 3.63 -17.10 -8.80
C LEU A 19 5.02 -16.72 -9.31
N GLY A 20 5.13 -15.56 -9.95
CA GLY A 20 6.40 -15.13 -10.53
C GLY A 20 7.03 -14.00 -9.73
N TYR A 21 8.32 -14.12 -9.44
CA TYR A 21 9.02 -13.07 -8.66
C TYR A 21 10.51 -13.29 -8.73
N TRP A 22 11.28 -12.28 -8.29
CA TRP A 22 12.72 -12.44 -8.12
C TRP A 22 12.95 -13.49 -7.02
N LYS A 23 14.13 -14.11 -7.03
CA LYS A 23 14.48 -15.12 -6.05
C LYS A 23 15.00 -14.41 -4.79
N ILE A 24 14.11 -13.63 -4.18
CA ILE A 24 14.32 -12.86 -2.97
C ILE A 24 13.06 -12.99 -2.10
N LYS A 25 13.10 -12.53 -0.84
CA LYS A 25 11.87 -12.51 -0.02
C LYS A 25 11.01 -11.34 -0.57
N GLY A 26 11.52 -10.12 -0.48
CA GLY A 26 10.89 -8.95 -1.06
C GLY A 26 9.41 -8.76 -0.80
N LEU A 27 8.69 -8.35 -1.84
CA LEU A 27 7.25 -8.06 -1.76
C LEU A 27 6.36 -9.28 -1.66
N VAL A 28 6.87 -10.45 -2.07
CA VAL A 28 6.03 -11.64 -2.21
C VAL A 28 6.10 -12.62 -1.04
N GLN A 29 7.08 -12.47 -0.13
CA GLN A 29 7.24 -13.48 0.94
C GLN A 29 5.94 -13.76 1.74
N PRO A 30 5.14 -12.75 2.15
CA PRO A 30 3.90 -13.05 2.89
C PRO A 30 2.95 -13.90 2.04
N THR A 31 2.89 -13.64 0.72
CA THR A 31 2.03 -14.43 -0.19
C THR A 31 2.46 -15.91 -0.22
N ARG A 32 3.79 -16.17 -0.28
CA ARG A 32 4.28 -17.55 -0.25
C ARG A 32 3.87 -18.22 1.05
N LEU A 33 3.99 -17.49 2.18
CA LEU A 33 3.61 -18.07 3.48
C LEU A 33 2.11 -18.37 3.53
N LEU A 34 1.27 -17.48 2.98
CA LEU A 34 -0.18 -17.72 2.96
C LEU A 34 -0.56 -18.96 2.14
N LEU A 35 0.03 -19.09 0.93
CA LEU A 35 -0.20 -20.25 0.06
C LEU A 35 0.21 -21.56 0.78
N GLU A 36 1.33 -21.52 1.51
CA GLU A 36 1.83 -22.71 2.23
C GLU A 36 0.92 -23.03 3.42
N TYR A 37 0.48 -21.98 4.16
CA TYR A 37 -0.49 -22.14 5.26
C TYR A 37 -1.77 -22.80 4.75
N LEU A 38 -2.26 -22.37 3.58
CA LEU A 38 -3.48 -22.91 3.00
C LEU A 38 -3.32 -24.26 2.28
N GLU A 39 -2.09 -24.77 2.22
CA GLU A 39 -1.77 -26.02 1.54
C GLU A 39 -2.21 -26.00 0.06
N GLU A 40 -2.10 -24.82 -0.56
CA GLU A 40 -2.49 -24.66 -1.95
C GLU A 40 -1.33 -25.01 -2.84
N LYS A 41 -1.60 -25.79 -3.87
CA LYS A 41 -0.57 -26.16 -4.83
C LYS A 41 -0.31 -24.92 -5.70
N TYR A 42 0.97 -24.63 -5.93
CA TYR A 42 1.36 -23.54 -6.81
C TYR A 42 2.74 -23.83 -7.36
N GLU A 43 3.05 -23.24 -8.50
CA GLU A 43 4.37 -23.37 -9.09
C GLU A 43 4.98 -21.98 -9.14
N GLU A 44 6.31 -21.91 -9.18
CA GLU A 44 6.95 -20.59 -9.19
C GLU A 44 7.77 -20.33 -10.42
N HIS A 45 7.79 -19.08 -10.86
CA HIS A 45 8.73 -18.60 -11.83
C HIS A 45 9.70 -17.74 -11.03
N LEU A 46 10.98 -18.14 -10.98
CA LEU A 46 11.94 -17.40 -10.14
C LEU A 46 12.99 -16.75 -11.02
N TYR A 47 13.25 -15.47 -10.81
CA TYR A 47 14.24 -14.77 -11.61
C TYR A 47 15.43 -14.47 -10.71
N GLU A 48 16.58 -15.01 -11.06
CA GLU A 48 17.80 -14.81 -10.29
C GLU A 48 18.44 -13.46 -10.61
N ARG A 49 19.52 -13.12 -9.88
CA ARG A 49 20.23 -11.85 -9.99
C ARG A 49 20.67 -11.50 -11.39
N ASP A 50 21.15 -12.48 -12.15
CA ASP A 50 21.59 -12.25 -13.52
C ASP A 50 20.49 -12.56 -14.56
N GLU A 51 19.21 -12.62 -14.13
CA GLU A 51 18.14 -12.98 -15.06
C GLU A 51 17.16 -11.85 -15.39
N GLY A 52 17.64 -10.61 -15.39
CA GLY A 52 16.81 -9.47 -15.77
C GLY A 52 16.31 -9.57 -17.19
N ASP A 53 17.15 -10.12 -18.09
CA ASP A 53 16.80 -10.30 -19.51
C ASP A 53 15.69 -11.34 -19.67
N LYS A 54 15.74 -12.41 -18.86
CA LYS A 54 14.70 -13.45 -18.88
C LYS A 54 13.34 -12.84 -18.48
N TRP A 55 13.34 -11.86 -17.55
CA TRP A 55 12.12 -11.16 -17.17
C TRP A 55 11.64 -10.21 -18.26
N ARG A 56 12.53 -9.37 -18.81
CA ARG A 56 12.15 -8.47 -19.91
C ARG A 56 11.55 -9.21 -21.12
N ASN A 57 12.06 -10.41 -21.42
CA ASN A 57 11.55 -11.21 -22.53
C ASN A 57 10.16 -11.82 -22.26
N LYS A 58 9.80 -12.00 -20.96
CA LYS A 58 8.57 -12.62 -20.46
C LYS A 58 7.47 -11.60 -20.08
N LYS A 59 7.91 -10.40 -19.63
CA LYS A 59 7.13 -9.27 -19.09
C LYS A 59 5.87 -8.90 -19.86
N PHE A 60 5.95 -8.81 -21.20
CA PHE A 60 4.78 -8.47 -22.00
C PHE A 60 4.14 -9.67 -22.71
N GLU A 61 4.52 -10.90 -22.30
CA GLU A 61 3.98 -12.12 -22.93
C GLU A 61 3.06 -12.91 -22.01
N LEU A 62 2.59 -12.28 -20.90
CA LEU A 62 1.73 -12.97 -19.95
C LEU A 62 0.29 -12.48 -19.92
N GLY A 63 -0.05 -11.49 -20.76
CA GLY A 63 -1.41 -10.94 -20.78
C GLY A 63 -1.70 -10.07 -19.57
N LEU A 64 -0.64 -9.57 -18.90
CA LEU A 64 -0.80 -8.74 -17.71
C LEU A 64 -1.14 -7.31 -18.12
N GLU A 65 -2.16 -6.73 -17.49
CA GLU A 65 -2.55 -5.35 -17.79
C GLU A 65 -1.57 -4.33 -17.22
N PHE A 66 -0.93 -4.67 -16.12
CA PHE A 66 0.06 -3.82 -15.44
C PHE A 66 1.31 -4.66 -15.19
N PRO A 67 2.06 -5.01 -16.26
CA PRO A 67 3.24 -5.87 -16.08
C PRO A 67 4.19 -5.46 -14.97
N ASN A 68 4.49 -6.40 -14.09
CA ASN A 68 5.31 -6.13 -12.90
C ASN A 68 5.65 -7.44 -12.21
N LEU A 69 6.53 -7.36 -11.21
CA LEU A 69 6.90 -8.51 -10.35
C LEU A 69 6.51 -8.13 -8.90
N PRO A 70 5.76 -8.98 -8.18
CA PRO A 70 5.30 -10.32 -8.58
C PRO A 70 4.08 -10.35 -9.49
N TYR A 71 3.90 -11.47 -10.18
CA TYR A 71 2.70 -11.77 -10.94
C TYR A 71 2.10 -13.08 -10.46
N TYR A 72 0.80 -13.28 -10.70
CA TYR A 72 0.12 -14.48 -10.27
C TYR A 72 -0.85 -14.84 -11.35
N ILE A 73 -0.68 -16.03 -11.91
CA ILE A 73 -1.52 -16.48 -12.99
C ILE A 73 -2.21 -17.78 -12.68
N ASP A 74 -3.55 -17.77 -12.78
CA ASP A 74 -4.27 -19.05 -12.68
C ASP A 74 -5.23 -19.16 -13.88
N GLY A 75 -6.18 -20.08 -13.85
CA GLY A 75 -7.14 -20.22 -14.94
C GLY A 75 -8.29 -19.23 -14.90
N ASP A 76 -8.21 -18.24 -14.01
CA ASP A 76 -9.26 -17.26 -13.84
C ASP A 76 -8.69 -15.85 -13.92
N VAL A 77 -7.52 -15.61 -13.32
CA VAL A 77 -6.94 -14.28 -13.24
C VAL A 77 -5.47 -14.22 -13.67
N LYS A 78 -5.02 -13.03 -14.12
CA LYS A 78 -3.64 -12.76 -14.45
C LYS A 78 -3.39 -11.46 -13.71
N LEU A 79 -2.78 -11.54 -12.53
CA LEU A 79 -2.62 -10.38 -11.66
C LEU A 79 -1.19 -9.93 -11.43
N THR A 80 -1.05 -8.63 -11.14
CA THR A 80 0.14 -8.00 -10.59
C THR A 80 -0.35 -7.17 -9.38
N GLN A 81 0.62 -6.62 -8.60
CA GLN A 81 0.48 -5.89 -7.35
C GLN A 81 0.38 -6.92 -6.27
N SER A 82 1.45 -6.99 -5.44
CA SER A 82 1.56 -7.97 -4.36
C SER A 82 0.37 -7.98 -3.46
N MET A 83 -0.19 -6.79 -3.16
CA MET A 83 -1.35 -6.74 -2.29
C MET A 83 -2.63 -7.23 -2.95
N ALA A 84 -2.80 -7.00 -4.25
CA ALA A 84 -3.97 -7.57 -4.95
C ALA A 84 -3.86 -9.10 -4.97
N ILE A 85 -2.62 -9.62 -5.12
CA ILE A 85 -2.39 -11.07 -5.19
C ILE A 85 -2.66 -11.75 -3.84
N ILE A 86 -2.05 -11.23 -2.74
CA ILE A 86 -2.29 -11.85 -1.43
C ILE A 86 -3.78 -11.77 -1.05
N ARG A 87 -4.43 -10.64 -1.34
CA ARG A 87 -5.85 -10.49 -1.02
C ARG A 87 -6.70 -11.42 -1.87
N TYR A 88 -6.33 -11.67 -3.11
CA TYR A 88 -7.07 -12.58 -3.99
C TYR A 88 -7.04 -13.99 -3.42
N ILE A 89 -5.86 -14.49 -3.04
CA ILE A 89 -5.72 -15.81 -2.44
C ILE A 89 -6.58 -15.92 -1.14
N ALA A 90 -6.49 -14.89 -0.28
CA ALA A 90 -7.30 -14.87 0.96
C ALA A 90 -8.80 -14.84 0.66
N ASP A 91 -9.19 -14.04 -0.35
CA ASP A 91 -10.59 -13.87 -0.75
C ASP A 91 -11.17 -15.18 -1.26
N LYS A 92 -10.40 -15.94 -2.04
CA LYS A 92 -10.82 -17.27 -2.50
C LYS A 92 -11.01 -18.25 -1.33
N HIS A 93 -10.39 -18.00 -0.18
CA HIS A 93 -10.54 -18.83 1.00
C HIS A 93 -11.43 -18.19 2.06
N ASN A 94 -12.27 -17.20 1.68
CA ASN A 94 -13.20 -16.48 2.58
C ASN A 94 -12.48 -15.95 3.82
N MET A 95 -11.30 -15.35 3.63
CA MET A 95 -10.52 -14.85 4.75
C MET A 95 -10.43 -13.32 4.80
N LEU A 96 -11.08 -12.58 3.87
CA LEU A 96 -10.95 -11.12 3.89
C LEU A 96 -11.86 -10.41 4.90
N GLY A 97 -12.88 -11.09 5.40
CA GLY A 97 -13.81 -10.50 6.36
C GLY A 97 -15.23 -10.63 5.86
N GLY A 98 -16.15 -10.93 6.78
CA GLY A 98 -17.55 -11.20 6.47
C GLY A 98 -18.49 -10.02 6.33
N CYS A 99 -18.02 -8.82 6.63
CA CYS A 99 -18.83 -7.60 6.51
C CYS A 99 -17.89 -6.39 6.30
N PRO A 100 -18.38 -5.20 5.86
CA PRO A 100 -17.46 -4.06 5.69
C PRO A 100 -16.61 -3.73 6.91
N LYS A 101 -17.17 -3.85 8.12
CA LYS A 101 -16.43 -3.57 9.36
C LYS A 101 -15.26 -4.55 9.52
N GLU A 102 -15.50 -5.86 9.35
CA GLU A 102 -14.42 -6.84 9.49
C GLU A 102 -13.37 -6.72 8.38
N ARG A 103 -13.82 -6.45 7.14
CA ARG A 103 -12.88 -6.24 6.03
C ARG A 103 -12.00 -5.02 6.28
N ALA A 104 -12.56 -3.96 6.89
CA ALA A 104 -11.80 -2.75 7.21
C ALA A 104 -10.78 -3.02 8.27
N GLU A 105 -11.14 -3.83 9.30
CA GLU A 105 -10.21 -4.19 10.38
C GLU A 105 -8.99 -4.93 9.77
N ILE A 106 -9.26 -5.85 8.84
CA ILE A 106 -8.20 -6.61 8.20
C ILE A 106 -7.33 -5.69 7.30
N SER A 107 -7.97 -4.74 6.58
CA SER A 107 -7.21 -3.81 5.75
C SER A 107 -6.41 -2.81 6.60
N MET A 108 -6.90 -2.48 7.82
CA MET A 108 -6.18 -1.59 8.73
C MET A 108 -4.96 -2.36 9.24
N LEU A 109 -5.13 -3.63 9.64
CA LEU A 109 -3.97 -4.45 10.10
C LEU A 109 -2.92 -4.53 8.98
N GLU A 110 -3.39 -4.80 7.75
CA GLU A 110 -2.57 -4.88 6.56
C GLU A 110 -1.74 -3.57 6.37
N GLY A 111 -2.41 -2.42 6.43
CA GLY A 111 -1.73 -1.13 6.25
C GLY A 111 -0.72 -0.81 7.34
N ALA A 112 -1.04 -1.13 8.58
CA ALA A 112 -0.14 -0.87 9.70
C ALA A 112 1.11 -1.74 9.56
N VAL A 113 0.97 -2.99 9.04
CA VAL A 113 2.15 -3.84 8.82
C VAL A 113 2.98 -3.19 7.67
N LEU A 114 2.32 -2.78 6.59
CA LEU A 114 3.02 -2.16 5.45
C LEU A 114 3.80 -0.92 5.86
N ASP A 115 3.30 -0.15 6.85
CA ASP A 115 4.08 1.01 7.32
C ASP A 115 5.49 0.59 7.81
N ILE A 116 5.58 -0.56 8.45
CA ILE A 116 6.87 -1.09 8.91
C ILE A 116 7.67 -1.64 7.72
N ARG A 117 7.04 -2.52 6.92
CA ARG A 117 7.75 -3.19 5.85
C ARG A 117 8.24 -2.22 4.79
N TYR A 118 7.38 -1.29 4.38
CA TYR A 118 7.69 -0.25 3.38
C TYR A 118 8.68 0.77 3.97
N GLY A 119 8.62 1.01 5.29
CA GLY A 119 9.58 1.86 5.97
C GLY A 119 11.00 1.34 5.79
N VAL A 120 11.17 0.00 5.80
CA VAL A 120 12.47 -0.62 5.56
C VAL A 120 12.84 -0.42 4.09
N SER A 121 11.94 -0.78 3.17
CA SER A 121 12.23 -0.68 1.73
C SER A 121 12.55 0.71 1.25
N ARG A 122 11.84 1.70 1.77
CA ARG A 122 11.99 3.07 1.22
C ARG A 122 13.36 3.68 1.53
N ILE A 123 14.13 3.10 2.48
CA ILE A 123 15.49 3.56 2.77
C ILE A 123 16.57 2.53 2.38
N ALA A 124 16.18 1.26 2.11
CA ALA A 124 17.08 0.18 1.73
C ALA A 124 17.89 0.42 0.44
N TYR A 125 17.46 1.27 -0.51
CA TYR A 125 18.27 1.47 -1.75
C TYR A 125 19.06 2.78 -1.76
N SER A 126 18.98 3.58 -0.69
CA SER A 126 19.70 4.84 -0.62
C SER A 126 21.15 4.61 -0.24
N LYS A 127 22.05 5.40 -0.84
CA LYS A 127 23.47 5.36 -0.51
C LYS A 127 23.67 5.81 0.96
N ASP A 128 22.83 6.75 1.43
CA ASP A 128 22.83 7.24 2.80
C ASP A 128 21.71 6.53 3.57
N PHE A 129 21.71 5.19 3.52
CA PHE A 129 20.74 4.39 4.26
C PHE A 129 21.03 4.55 5.75
N GLU A 130 22.32 4.48 6.15
CA GLU A 130 22.77 4.54 7.54
C GLU A 130 22.15 5.70 8.33
N THR A 131 21.97 6.85 7.68
CA THR A 131 21.41 8.04 8.30
C THR A 131 19.89 7.93 8.46
N LEU A 132 19.15 7.63 7.36
CA LEU A 132 17.69 7.46 7.36
C LEU A 132 17.22 6.30 8.28
N LYS A 133 18.09 5.31 8.48
CA LYS A 133 17.87 4.17 9.36
C LYS A 133 17.66 4.67 10.81
N VAL A 134 18.36 5.73 11.20
CA VAL A 134 18.20 6.29 12.54
C VAL A 134 16.77 6.82 12.72
N ASP A 135 16.24 7.58 11.75
CA ASP A 135 14.88 8.09 11.84
C ASP A 135 13.88 6.94 11.88
N PHE A 136 14.06 5.93 11.03
CA PHE A 136 13.14 4.78 11.00
C PHE A 136 13.17 4.05 12.35
N LEU A 137 14.37 3.79 12.88
CA LEU A 137 14.48 3.07 14.15
C LEU A 137 13.96 3.88 15.34
N SER A 138 13.93 5.24 15.25
CA SER A 138 13.34 6.03 16.35
C SER A 138 11.81 5.88 16.37
N LYS A 139 11.19 5.61 15.21
CA LYS A 139 9.76 5.46 15.10
C LYS A 139 9.31 3.99 15.22
N LEU A 140 10.19 3.05 14.91
CA LEU A 140 9.85 1.63 14.91
C LEU A 140 9.24 1.14 16.22
N PRO A 141 9.79 1.51 17.41
CA PRO A 141 9.19 1.02 18.65
C PRO A 141 7.72 1.39 18.81
N GLU A 142 7.32 2.64 18.50
CA GLU A 142 5.90 3.01 18.64
C GLU A 142 5.04 2.20 17.69
N MET A 143 5.56 1.88 16.48
CA MET A 143 4.80 1.09 15.53
C MET A 143 4.63 -0.34 16.06
N LEU A 144 5.73 -0.90 16.58
CA LEU A 144 5.67 -2.25 17.12
C LEU A 144 4.77 -2.35 18.34
N LYS A 145 4.76 -1.28 19.18
CA LYS A 145 3.95 -1.25 20.40
C LYS A 145 2.47 -1.44 20.09
N MET A 146 1.99 -0.90 18.96
CA MET A 146 0.58 -1.08 18.60
C MET A 146 0.22 -2.56 18.34
N PHE A 147 1.14 -3.32 17.75
CA PHE A 147 0.93 -4.76 17.52
C PHE A 147 1.07 -5.55 18.83
N GLU A 148 2.01 -5.14 19.70
CA GLU A 148 2.21 -5.76 21.00
C GLU A 148 0.90 -5.66 21.81
N ASP A 149 0.28 -4.46 21.78
CA ASP A 149 -0.98 -4.23 22.48
C ASP A 149 -2.11 -5.04 21.85
N ARG A 150 -2.12 -5.11 20.51
CA ARG A 150 -3.15 -5.87 19.78
C ARG A 150 -3.13 -7.35 20.20
N LEU A 151 -1.91 -7.87 20.43
CA LEU A 151 -1.70 -9.25 20.81
C LEU A 151 -1.85 -9.51 22.33
N CYS A 152 -2.26 -8.49 23.12
CA CYS A 152 -2.48 -8.60 24.56
C CYS A 152 -3.51 -9.65 24.88
N HIS A 153 -4.61 -9.68 24.12
CA HIS A 153 -5.65 -10.68 24.36
C HIS A 153 -6.10 -11.39 23.09
N LYS A 154 -5.25 -11.41 22.06
CA LYS A 154 -5.52 -12.11 20.80
C LYS A 154 -4.32 -12.98 20.46
N THR A 155 -4.57 -14.23 20.04
CA THR A 155 -3.53 -15.19 19.64
C THR A 155 -2.90 -14.76 18.31
N TYR A 156 -3.75 -14.37 17.36
CA TYR A 156 -3.28 -13.82 16.10
C TYR A 156 -3.83 -12.41 15.97
N LEU A 157 -3.43 -11.67 14.91
CA LEU A 157 -3.86 -10.27 14.78
C LEU A 157 -5.37 -10.07 14.77
N ASN A 158 -6.11 -11.02 14.22
CA ASN A 158 -7.57 -10.92 14.17
C ASN A 158 -8.26 -11.86 15.15
N GLY A 159 -7.57 -12.28 16.21
CA GLY A 159 -8.15 -13.16 17.22
C GLY A 159 -7.70 -14.60 17.13
N ASP A 160 -8.66 -15.51 17.24
CA ASP A 160 -8.40 -16.94 17.28
C ASP A 160 -7.90 -17.54 15.99
N HIS A 161 -8.22 -16.93 14.81
CA HIS A 161 -7.83 -17.52 13.54
C HIS A 161 -6.86 -16.69 12.73
N VAL A 162 -5.98 -17.36 11.99
CA VAL A 162 -4.98 -16.71 11.14
C VAL A 162 -5.62 -15.96 9.97
N THR A 163 -5.08 -14.77 9.67
CA THR A 163 -5.47 -13.97 8.52
C THR A 163 -4.18 -13.60 7.76
N HIS A 164 -4.30 -13.14 6.49
CA HIS A 164 -3.12 -12.78 5.71
C HIS A 164 -2.23 -11.73 6.42
N PRO A 165 -2.74 -10.73 7.18
CA PRO A 165 -1.81 -9.78 7.85
C PRO A 165 -0.90 -10.46 8.87
N ASP A 166 -1.25 -11.67 9.38
CA ASP A 166 -0.34 -12.39 10.29
C ASP A 166 0.96 -12.72 9.54
N PHE A 167 0.85 -13.17 8.29
CA PHE A 167 2.03 -13.48 7.49
C PHE A 167 2.78 -12.25 7.06
N MET A 168 2.07 -11.14 6.82
CA MET A 168 2.73 -9.87 6.55
C MET A 168 3.51 -9.43 7.78
N LEU A 169 2.91 -9.53 8.98
CA LEU A 169 3.61 -9.11 10.20
C LEU A 169 4.80 -10.00 10.45
N TYR A 170 4.65 -11.31 10.26
CA TYR A 170 5.77 -12.24 10.44
C TYR A 170 6.99 -11.85 9.53
N ASP A 171 6.72 -11.57 8.26
CA ASP A 171 7.75 -11.13 7.32
C ASP A 171 8.40 -9.81 7.79
N ALA A 172 7.57 -8.84 8.24
CA ALA A 172 8.09 -7.56 8.71
C ALA A 172 9.01 -7.74 9.90
N LEU A 173 8.64 -8.63 10.84
CA LEU A 173 9.47 -8.88 12.02
C LEU A 173 10.80 -9.52 11.61
N ASP A 174 10.73 -10.50 10.71
CA ASP A 174 11.95 -11.14 10.19
C ASP A 174 12.94 -10.09 9.61
N VAL A 175 12.43 -9.19 8.79
CA VAL A 175 13.24 -8.16 8.15
C VAL A 175 13.80 -7.13 9.16
N VAL A 176 12.97 -6.59 10.06
CA VAL A 176 13.45 -5.57 11.01
C VAL A 176 14.46 -6.17 11.99
N LEU A 177 14.37 -7.47 12.29
CA LEU A 177 15.34 -8.11 13.18
C LEU A 177 16.74 -8.14 12.55
N TYR A 178 16.83 -8.10 11.20
CA TYR A 178 18.15 -8.02 10.56
C TYR A 178 18.72 -6.58 10.68
N MET A 179 17.84 -5.59 10.56
CA MET A 179 18.26 -4.19 10.69
C MET A 179 18.61 -3.87 12.14
N ASP A 180 17.86 -4.43 13.09
CA ASP A 180 18.09 -4.16 14.51
C ASP A 180 17.77 -5.43 15.31
N PRO A 181 18.76 -6.28 15.53
CA PRO A 181 18.51 -7.54 16.27
C PRO A 181 17.88 -7.40 17.66
N MET A 182 17.91 -6.20 18.25
CA MET A 182 17.30 -5.96 19.57
C MET A 182 15.92 -5.30 19.48
N CYS A 183 15.35 -5.08 18.28
CA CYS A 183 14.10 -4.33 18.17
C CYS A 183 12.90 -4.97 18.88
N LEU A 184 12.95 -6.28 19.16
CA LEU A 184 11.85 -6.93 19.89
C LEU A 184 12.18 -7.22 21.34
N ASP A 185 13.32 -6.69 21.87
CA ASP A 185 13.66 -6.97 23.26
C ASP A 185 12.61 -6.41 24.22
N ALA A 186 11.94 -5.30 23.86
CA ALA A 186 10.89 -4.73 24.69
C ALA A 186 9.48 -5.29 24.38
N PHE A 187 9.37 -6.24 23.45
CA PHE A 187 8.07 -6.74 22.99
C PHE A 187 7.95 -8.27 23.07
N PRO A 188 7.72 -8.82 24.27
CA PRO A 188 7.63 -10.29 24.42
C PRO A 188 6.45 -10.93 23.68
N LYS A 189 5.30 -10.26 23.59
CA LYS A 189 4.16 -10.82 22.83
C LYS A 189 4.52 -10.93 21.35
N LEU A 190 5.31 -9.97 20.79
CA LEU A 190 5.72 -10.06 19.40
C LEU A 190 6.75 -11.17 19.19
N VAL A 191 7.65 -11.36 20.18
CA VAL A 191 8.60 -12.46 20.10
C VAL A 191 7.85 -13.79 20.11
N CYS A 192 6.81 -13.91 20.97
CA CYS A 192 5.98 -15.11 21.05
C CYS A 192 5.16 -15.31 19.78
N PHE A 193 4.63 -14.22 19.24
CA PHE A 193 3.87 -14.26 17.99
C PHE A 193 4.72 -14.85 16.86
N LYS A 194 5.97 -14.38 16.72
CA LYS A 194 6.88 -14.87 15.68
C LYS A 194 7.13 -16.38 15.83
N LYS A 195 7.31 -16.85 17.07
CA LYS A 195 7.50 -18.29 17.33
C LYS A 195 6.19 -19.06 17.07
N ARG A 196 5.02 -18.43 17.32
CA ARG A 196 3.73 -19.08 17.09
C ARG A 196 3.49 -19.34 15.60
N ILE A 197 3.85 -18.36 14.76
CA ILE A 197 3.75 -18.51 13.31
C ILE A 197 4.68 -19.64 12.84
N GLU A 198 5.93 -19.65 13.36
CA GLU A 198 6.91 -20.72 13.08
C GLU A 198 6.45 -22.11 13.56
N ALA A 199 5.54 -22.14 14.55
CA ALA A 199 5.00 -23.39 15.10
C ALA A 199 3.76 -23.88 14.33
N ILE A 200 3.27 -23.13 13.32
CA ILE A 200 2.16 -23.62 12.47
C ILE A 200 2.77 -24.74 11.62
N PRO A 201 2.23 -25.96 11.67
CA PRO A 201 2.88 -27.07 10.97
C PRO A 201 3.24 -26.80 9.50
N GLN A 202 2.36 -26.18 8.73
CA GLN A 202 2.58 -25.86 7.31
C GLN A 202 3.77 -24.91 7.14
N ILE A 203 3.88 -23.94 8.05
CA ILE A 203 4.93 -22.91 8.02
C ILE A 203 6.25 -23.53 8.39
N ASP A 204 6.27 -24.32 9.47
CA ASP A 204 7.46 -25.03 9.90
C ASP A 204 8.05 -25.90 8.75
N LYS A 205 7.16 -26.64 8.07
CA LYS A 205 7.56 -27.53 6.99
C LYS A 205 8.17 -26.70 5.84
N TYR A 206 7.53 -25.58 5.52
CA TYR A 206 8.00 -24.67 4.47
C TYR A 206 9.36 -24.06 4.77
N LEU A 207 9.55 -23.53 5.98
CA LEU A 207 10.81 -22.89 6.37
C LEU A 207 11.98 -23.86 6.39
N LYS A 208 11.73 -25.16 6.61
CA LYS A 208 12.76 -26.19 6.59
C LYS A 208 12.89 -26.85 5.17
N SER A 209 12.06 -26.42 4.20
CA SER A 209 12.06 -26.99 2.86
C SER A 209 13.03 -26.29 1.90
N SER A 210 13.23 -26.91 0.74
CA SER A 210 14.07 -26.45 -0.36
C SER A 210 13.46 -25.19 -1.05
N LYS A 211 12.13 -24.96 -0.89
CA LYS A 211 11.43 -23.84 -1.49
C LYS A 211 11.68 -22.51 -0.75
N TYR A 212 12.07 -22.60 0.53
CA TYR A 212 12.30 -21.41 1.34
C TYR A 212 13.49 -20.60 0.80
N ILE A 213 13.27 -19.31 0.60
CA ILE A 213 14.31 -18.38 0.18
C ILE A 213 14.64 -17.53 1.42
N ALA A 214 15.78 -17.80 2.07
CA ALA A 214 16.14 -17.07 3.28
C ALA A 214 16.61 -15.63 3.05
N TRP A 215 17.18 -15.38 1.90
CA TRP A 215 17.86 -14.14 1.60
C TRP A 215 18.03 -14.01 0.09
N PRO A 216 18.17 -12.78 -0.44
CA PRO A 216 18.12 -11.49 0.23
C PRO A 216 16.71 -11.04 0.61
N LEU A 217 16.63 -9.95 1.36
CA LEU A 217 15.36 -9.38 1.81
C LEU A 217 14.83 -8.42 0.75
N GLN A 218 15.69 -7.56 0.23
CA GLN A 218 15.35 -6.62 -0.81
C GLN A 218 16.09 -7.16 -2.06
N GLY A 219 16.17 -6.39 -3.14
CA GLY A 219 16.99 -6.80 -4.29
C GLY A 219 18.46 -6.97 -3.91
N TRP A 220 19.22 -7.72 -4.71
CA TRP A 220 20.63 -7.99 -4.44
C TRP A 220 21.53 -6.75 -4.33
N GLN A 221 21.21 -5.66 -5.04
CA GLN A 221 22.06 -4.47 -4.99
C GLN A 221 21.62 -3.44 -3.93
N ALA A 222 20.63 -3.78 -3.09
CA ALA A 222 20.18 -2.85 -2.04
C ALA A 222 21.27 -2.61 -0.99
N THR A 223 21.33 -1.40 -0.43
CA THR A 223 22.29 -1.03 0.62
C THR A 223 22.03 -1.88 1.88
N PHE A 224 20.74 -2.10 2.21
CA PHE A 224 20.34 -2.96 3.32
C PHE A 224 19.56 -4.15 2.76
N GLY A 225 19.81 -5.34 3.28
CA GLY A 225 19.04 -6.52 2.89
C GLY A 225 19.37 -7.07 1.51
N GLY A 226 20.53 -6.68 1.00
CA GLY A 226 21.03 -7.14 -0.29
C GLY A 226 22.20 -8.10 -0.14
N GLY A 227 22.89 -8.36 -1.23
CA GLY A 227 23.99 -9.32 -1.25
C GLY A 227 23.46 -10.73 -1.44
N ASP A 228 24.34 -11.66 -1.83
CA ASP A 228 23.94 -13.04 -2.05
C ASP A 228 23.64 -13.81 -0.76
N HIS A 229 24.23 -13.38 0.36
CA HIS A 229 24.07 -14.07 1.63
C HIS A 229 23.92 -13.08 2.79
N PRO A 230 23.29 -13.49 3.92
CA PRO A 230 23.18 -12.57 5.05
C PRO A 230 24.54 -12.10 5.57
N SER B 16 -22.79 11.13 11.98
CA SER B 16 -22.03 11.68 10.85
C SER B 16 -20.56 11.31 10.99
N PRO B 17 -19.94 10.75 9.94
CA PRO B 17 -18.53 10.35 10.04
C PRO B 17 -17.59 11.52 10.23
N ILE B 18 -16.47 11.27 10.92
CA ILE B 18 -15.44 12.25 11.14
C ILE B 18 -14.20 11.77 10.43
N LEU B 19 -13.60 12.63 9.60
CA LEU B 19 -12.35 12.30 8.92
C LEU B 19 -11.28 13.22 9.50
N GLY B 20 -10.33 12.65 10.23
CA GLY B 20 -9.28 13.44 10.85
C GLY B 20 -8.01 13.39 10.05
N TYR B 21 -7.42 14.55 9.72
CA TYR B 21 -6.18 14.56 8.94
C TYR B 21 -5.51 15.93 9.00
N TRP B 22 -4.24 16.01 8.57
CA TRP B 22 -3.56 17.28 8.39
C TRP B 22 -4.33 18.11 7.30
N LYS B 23 -4.24 19.43 7.36
CA LYS B 23 -4.93 20.30 6.40
C LYS B 23 -4.08 20.38 5.14
N ILE B 24 -3.88 19.20 4.53
CA ILE B 24 -3.11 18.97 3.32
C ILE B 24 -3.90 17.97 2.46
N LYS B 25 -3.50 17.81 1.20
CA LYS B 25 -4.08 16.79 0.33
C LYS B 25 -3.58 15.42 0.86
N GLY B 26 -2.27 15.18 0.81
CA GLY B 26 -1.66 14.00 1.41
C GLY B 26 -2.32 12.67 1.11
N LEU B 27 -2.38 11.81 2.14
CA LEU B 27 -2.89 10.46 2.03
C LEU B 27 -4.41 10.40 1.88
N VAL B 28 -5.14 11.44 2.28
CA VAL B 28 -6.60 11.36 2.34
C VAL B 28 -7.34 11.98 1.16
N GLN B 29 -6.65 12.72 0.26
CA GLN B 29 -7.36 13.44 -0.80
C GLN B 29 -8.29 12.51 -1.65
N PRO B 30 -7.86 11.28 -2.02
CA PRO B 30 -8.78 10.43 -2.81
C PRO B 30 -10.04 10.06 -2.01
N THR B 31 -9.90 9.88 -0.68
CA THR B 31 -11.03 9.60 0.22
C THR B 31 -12.04 10.76 0.23
N ARG B 32 -11.54 12.01 0.31
CA ARG B 32 -12.43 13.19 0.26
C ARG B 32 -13.18 13.21 -1.09
N LEU B 33 -12.46 12.96 -2.20
CA LEU B 33 -13.09 12.97 -3.51
C LEU B 33 -14.15 11.90 -3.62
N LEU B 34 -13.90 10.71 -3.07
CA LEU B 34 -14.87 9.62 -3.10
C LEU B 34 -16.09 9.99 -2.26
N LEU B 35 -15.89 10.57 -1.07
CA LEU B 35 -17.03 10.99 -0.24
C LEU B 35 -17.90 12.05 -0.97
N GLU B 36 -17.24 12.92 -1.73
CA GLU B 36 -17.90 13.98 -2.49
C GLU B 36 -18.66 13.43 -3.69
N TYR B 37 -18.07 12.43 -4.36
CA TYR B 37 -18.69 11.77 -5.48
C TYR B 37 -19.98 11.05 -5.01
N LEU B 38 -19.91 10.40 -3.84
CA LEU B 38 -21.05 9.68 -3.28
C LEU B 38 -22.07 10.60 -2.57
N GLU B 39 -21.74 11.89 -2.41
CA GLU B 39 -22.56 12.90 -1.76
C GLU B 39 -22.89 12.52 -0.33
N GLU B 40 -21.90 11.97 0.39
CA GLU B 40 -22.07 11.58 1.78
C GLU B 40 -21.62 12.71 2.69
N LYS B 41 -22.36 12.95 3.78
CA LYS B 41 -21.98 13.99 4.72
C LYS B 41 -20.86 13.50 5.61
N TYR B 42 -19.98 14.41 6.00
CA TYR B 42 -18.89 14.09 6.90
C TYR B 42 -18.30 15.37 7.48
N GLU B 43 -17.66 15.24 8.62
CA GLU B 43 -17.02 16.36 9.26
C GLU B 43 -15.53 16.12 9.20
N GLU B 44 -14.74 17.18 9.00
CA GLU B 44 -13.29 17.02 9.00
C GLU B 44 -12.68 17.70 10.19
N HIS B 45 -11.73 17.03 10.81
CA HIS B 45 -11.00 17.60 11.93
C HIS B 45 -9.60 17.75 11.38
N LEU B 46 -9.31 18.99 10.98
CA LEU B 46 -8.07 19.33 10.29
C LEU B 46 -7.00 19.86 11.22
N TYR B 47 -5.83 19.27 11.16
CA TYR B 47 -4.70 19.65 11.99
C TYR B 47 -3.81 20.55 11.16
N GLU B 48 -3.54 21.73 11.69
CA GLU B 48 -2.73 22.75 11.02
C GLU B 48 -1.22 22.53 11.26
N ARG B 49 -0.37 23.29 10.54
CA ARG B 49 1.08 23.22 10.59
C ARG B 49 1.66 23.17 12.01
N ASP B 50 1.13 23.97 12.93
CA ASP B 50 1.63 24.04 14.30
C ASP B 50 0.84 23.20 15.31
N GLU B 51 0.00 22.27 14.83
CA GLU B 51 -0.85 21.49 15.73
C GLU B 51 -0.41 20.05 15.96
N GLY B 52 0.83 19.72 15.61
CA GLY B 52 1.40 18.39 15.82
C GLY B 52 1.43 17.98 17.28
N ASP B 53 1.57 18.97 18.18
CA ASP B 53 1.56 18.76 19.62
C ASP B 53 0.17 18.36 20.10
N LYS B 54 -0.87 19.00 19.57
CA LYS B 54 -2.27 18.72 19.90
C LYS B 54 -2.62 17.28 19.46
N TRP B 55 -2.06 16.83 18.33
CA TRP B 55 -2.28 15.47 17.85
C TRP B 55 -1.59 14.46 18.74
N ARG B 56 -0.32 14.69 19.08
CA ARG B 56 0.43 13.80 19.98
C ARG B 56 -0.26 13.69 21.35
N ASN B 57 -0.85 14.80 21.83
CA ASN B 57 -1.53 14.82 23.12
C ASN B 57 -2.86 14.05 23.15
N LYS B 58 -3.54 13.87 22.00
CA LYS B 58 -4.83 13.16 21.98
C LYS B 58 -4.79 11.79 21.30
N LYS B 59 -3.75 11.52 20.51
CA LYS B 59 -3.52 10.31 19.71
C LYS B 59 -4.05 9.02 20.36
N PHE B 60 -3.76 8.83 21.65
CA PHE B 60 -4.11 7.59 22.35
C PHE B 60 -5.43 7.65 23.14
N GLU B 61 -6.23 8.69 22.94
CA GLU B 61 -7.49 8.86 23.66
C GLU B 61 -8.74 8.81 22.76
N LEU B 62 -8.60 8.41 21.50
CA LEU B 62 -9.72 8.37 20.57
C LEU B 62 -10.36 6.99 20.36
N GLY B 63 -9.85 5.97 21.03
CA GLY B 63 -10.37 4.62 20.87
C GLY B 63 -9.87 3.94 19.61
N LEU B 64 -8.75 4.46 19.03
CA LEU B 64 -8.14 3.88 17.83
C LEU B 64 -7.16 2.78 18.22
N GLU B 65 -7.22 1.64 17.52
CA GLU B 65 -6.31 0.51 17.81
C GLU B 65 -4.89 0.77 17.31
N PHE B 66 -4.77 1.54 16.21
CA PHE B 66 -3.50 1.87 15.56
C PHE B 66 -3.52 3.37 15.29
N PRO B 67 -3.35 4.19 16.35
CA PRO B 67 -3.48 5.65 16.18
C PRO B 67 -2.61 6.21 15.08
N ASN B 68 -3.20 7.02 14.24
CA ASN B 68 -2.50 7.59 13.09
C ASN B 68 -3.41 8.59 12.35
N LEU B 69 -2.80 9.36 11.42
CA LEU B 69 -3.50 10.30 10.55
C LEU B 69 -3.39 9.74 9.11
N PRO B 70 -4.51 9.50 8.40
CA PRO B 70 -5.88 9.88 8.77
C PRO B 70 -6.58 8.88 9.66
N TYR B 71 -7.63 9.36 10.33
CA TYR B 71 -8.50 8.50 11.08
C TYR B 71 -9.93 8.71 10.60
N TYR B 72 -10.77 7.69 10.76
CA TYR B 72 -12.16 7.76 10.32
C TYR B 72 -12.98 7.23 11.46
N ILE B 73 -13.82 8.09 12.05
CA ILE B 73 -14.68 7.70 13.17
C ILE B 73 -16.13 7.81 12.74
N ASP B 74 -16.88 6.72 12.78
CA ASP B 74 -18.33 6.79 12.56
C ASP B 74 -19.04 5.90 13.62
N GLY B 75 -20.36 5.72 13.51
CA GLY B 75 -21.10 4.92 14.49
C GLY B 75 -20.76 3.44 14.50
N ASP B 76 -20.16 2.95 13.40
CA ASP B 76 -19.84 1.53 13.25
C ASP B 76 -18.35 1.20 13.41
N VAL B 77 -17.41 2.07 12.95
CA VAL B 77 -15.98 1.78 13.06
C VAL B 77 -15.15 2.96 13.59
N LYS B 78 -13.91 2.69 14.04
CA LYS B 78 -12.91 3.69 14.43
C LYS B 78 -11.69 3.15 13.70
N LEU B 79 -11.33 3.79 12.58
CA LEU B 79 -10.31 3.26 11.70
C LEU B 79 -9.16 4.18 11.44
N THR B 80 -8.00 3.60 11.14
CA THR B 80 -6.84 4.30 10.63
C THR B 80 -6.40 3.47 9.38
N GLN B 81 -5.38 3.97 8.67
CA GLN B 81 -4.83 3.50 7.41
C GLN B 81 -5.70 4.02 6.28
N SER B 82 -5.17 4.95 5.51
CA SER B 82 -5.91 5.57 4.43
C SER B 82 -6.56 4.57 3.47
N MET B 83 -5.87 3.45 3.17
CA MET B 83 -6.47 2.46 2.26
C MET B 83 -7.58 1.67 2.91
N ALA B 84 -7.51 1.41 4.23
CA ALA B 84 -8.65 0.74 4.90
C ALA B 84 -9.86 1.67 4.87
N ILE B 85 -9.64 2.99 5.08
CA ILE B 85 -10.72 3.98 5.11
C ILE B 85 -11.38 4.10 3.75
N ILE B 86 -10.58 4.35 2.69
CA ILE B 86 -11.18 4.52 1.36
C ILE B 86 -11.91 3.26 0.91
N ARG B 87 -11.35 2.08 1.23
CA ARG B 87 -12.00 0.82 0.86
C ARG B 87 -13.26 0.59 1.68
N TYR B 88 -13.27 1.01 2.95
CA TYR B 88 -14.45 0.89 3.81
C TYR B 88 -15.59 1.72 3.21
N ILE B 89 -15.33 2.98 2.84
CA ILE B 89 -16.36 3.83 2.22
C ILE B 89 -16.87 3.20 0.92
N ALA B 90 -15.96 2.70 0.08
CA ALA B 90 -16.35 2.04 -1.17
C ALA B 90 -17.16 0.77 -0.90
N ASP B 91 -16.73 -0.02 0.10
CA ASP B 91 -17.39 -1.27 0.51
C ASP B 91 -18.81 -1.01 1.00
N LYS B 92 -19.01 0.06 1.81
CA LYS B 92 -20.37 0.40 2.27
C LYS B 92 -21.30 0.77 1.11
N HIS B 93 -20.72 1.18 -0.05
CA HIS B 93 -21.48 1.50 -1.24
C HIS B 93 -21.43 0.41 -2.33
N ASN B 94 -21.03 -0.82 -1.93
CA ASN B 94 -20.93 -2.00 -2.82
C ASN B 94 -20.08 -1.69 -4.05
N MET B 95 -18.90 -1.05 -3.84
CA MET B 95 -18.04 -0.68 -4.96
C MET B 95 -16.73 -1.45 -5.05
N LEU B 96 -16.47 -2.41 -4.16
CA LEU B 96 -15.20 -3.13 -4.18
C LEU B 96 -15.11 -4.27 -5.19
N GLY B 97 -16.23 -4.68 -5.77
CA GLY B 97 -16.22 -5.78 -6.74
C GLY B 97 -17.12 -6.92 -6.28
N GLY B 98 -17.82 -7.53 -7.23
CA GLY B 98 -18.83 -8.54 -6.95
C GLY B 98 -18.36 -9.98 -6.79
N CYS B 99 -17.08 -10.23 -7.04
CA CYS B 99 -16.51 -11.57 -6.92
C CYS B 99 -14.99 -11.44 -6.71
N PRO B 100 -14.29 -12.48 -6.24
CA PRO B 100 -12.84 -12.36 -6.03
C PRO B 100 -12.06 -11.81 -7.24
N LYS B 101 -12.42 -12.24 -8.48
CA LYS B 101 -11.75 -11.74 -9.68
C LYS B 101 -11.93 -10.23 -9.85
N GLU B 102 -13.18 -9.72 -9.70
CA GLU B 102 -13.39 -8.27 -9.84
C GLU B 102 -12.71 -7.49 -8.68
N ARG B 103 -12.76 -8.04 -7.47
CA ARG B 103 -12.12 -7.36 -6.33
C ARG B 103 -10.62 -7.27 -6.51
N ALA B 104 -10.01 -8.32 -7.09
CA ALA B 104 -8.57 -8.35 -7.35
C ALA B 104 -8.21 -7.34 -8.43
N GLU B 105 -9.06 -7.17 -9.45
CA GLU B 105 -8.83 -6.19 -10.51
C GLU B 105 -8.81 -4.77 -9.92
N ILE B 106 -9.74 -4.49 -9.02
CA ILE B 106 -9.81 -3.19 -8.38
C ILE B 106 -8.61 -2.99 -7.45
N SER B 107 -8.20 -4.04 -6.71
CA SER B 107 -7.01 -3.91 -5.84
C SER B 107 -5.73 -3.74 -6.66
N MET B 108 -5.68 -4.31 -7.87
CA MET B 108 -4.52 -4.18 -8.73
C MET B 108 -4.45 -2.74 -9.23
N LEU B 109 -5.60 -2.20 -9.67
CA LEU B 109 -5.67 -0.80 -10.08
C LEU B 109 -5.20 0.13 -8.93
N GLU B 110 -5.70 -0.09 -7.71
CA GLU B 110 -5.28 0.74 -6.58
C GLU B 110 -3.75 0.62 -6.32
N GLY B 111 -3.18 -0.59 -6.42
CA GLY B 111 -1.76 -0.76 -6.18
C GLY B 111 -0.91 -0.06 -7.23
N ALA B 112 -1.36 -0.12 -8.49
CA ALA B 112 -0.60 0.53 -9.57
C ALA B 112 -0.66 2.06 -9.41
N VAL B 113 -1.78 2.61 -8.92
CA VAL B 113 -1.85 4.06 -8.69
C VAL B 113 -0.91 4.39 -7.51
N LEU B 114 -0.93 3.58 -6.45
CA LEU B 114 -0.07 3.81 -5.28
C LEU B 114 1.39 3.81 -5.68
N ASP B 115 1.82 2.97 -6.64
CA ASP B 115 3.23 3.01 -7.09
C ASP B 115 3.63 4.41 -7.57
N ILE B 116 2.70 5.11 -8.23
CA ILE B 116 2.98 6.47 -8.69
C ILE B 116 2.92 7.42 -7.49
N ARG B 117 1.83 7.38 -6.72
CA ARG B 117 1.64 8.34 -5.63
C ARG B 117 2.72 8.25 -4.57
N TYR B 118 3.08 7.03 -4.18
CA TYR B 118 4.14 6.78 -3.22
C TYR B 118 5.51 7.03 -3.80
N GLY B 119 5.68 6.87 -5.11
CA GLY B 119 6.94 7.22 -5.78
C GLY B 119 7.21 8.71 -5.60
N VAL B 120 6.13 9.53 -5.55
CA VAL B 120 6.31 10.96 -5.27
C VAL B 120 6.71 11.14 -3.80
N SER B 121 5.93 10.57 -2.87
CA SER B 121 6.18 10.70 -1.45
C SER B 121 7.57 10.23 -1.02
N ARG B 122 8.08 9.17 -1.65
CA ARG B 122 9.41 8.62 -1.35
C ARG B 122 10.53 9.63 -1.50
N ILE B 123 10.41 10.57 -2.43
CA ILE B 123 11.45 11.56 -2.71
C ILE B 123 11.09 12.98 -2.28
N ALA B 124 9.84 13.23 -1.89
CA ALA B 124 9.35 14.56 -1.53
C ALA B 124 9.97 15.18 -0.27
N TYR B 125 10.61 14.39 0.59
CA TYR B 125 11.18 14.93 1.84
C TYR B 125 12.72 15.01 1.82
N SER B 126 13.35 14.53 0.75
CA SER B 126 14.79 14.51 0.64
C SER B 126 15.36 15.85 0.24
N LYS B 127 16.51 16.21 0.79
CA LYS B 127 17.21 17.42 0.37
C LYS B 127 17.68 17.25 -1.11
N ASP B 128 17.81 15.99 -1.60
CA ASP B 128 18.20 15.65 -2.97
C ASP B 128 16.96 15.50 -3.87
N PHE B 129 15.79 16.11 -3.51
CA PHE B 129 14.60 16.02 -4.34
C PHE B 129 14.85 16.43 -5.81
N GLU B 130 15.62 17.51 -6.06
CA GLU B 130 15.85 17.97 -7.43
C GLU B 130 16.49 16.91 -8.33
N THR B 131 17.40 16.11 -7.78
CA THR B 131 18.08 15.05 -8.52
C THR B 131 17.20 13.82 -8.62
N LEU B 132 16.51 13.48 -7.53
CA LEU B 132 15.60 12.34 -7.51
C LEU B 132 14.42 12.55 -8.47
N LYS B 133 13.99 13.80 -8.67
CA LYS B 133 12.88 14.16 -9.55
C LYS B 133 13.22 13.77 -10.97
N VAL B 134 14.47 14.01 -11.41
CA VAL B 134 14.88 13.61 -12.77
C VAL B 134 14.68 12.07 -12.97
N ASP B 135 15.19 11.28 -12.04
CA ASP B 135 15.07 9.83 -12.10
CA ASP B 135 15.07 9.83 -12.08
C ASP B 135 13.60 9.39 -12.04
N PHE B 136 12.80 10.01 -11.16
CA PHE B 136 11.39 9.67 -11.04
C PHE B 136 10.62 10.02 -12.32
N LEU B 137 10.82 11.22 -12.89
CA LEU B 137 10.10 11.62 -14.10
C LEU B 137 10.54 10.84 -15.35
N SER B 138 11.72 10.19 -15.28
CA SER B 138 12.26 9.34 -16.33
C SER B 138 11.61 7.95 -16.29
N LYS B 139 11.21 7.47 -15.09
CA LYS B 139 10.55 6.18 -14.89
C LYS B 139 9.00 6.31 -14.95
N LEU B 140 8.47 7.49 -14.62
CA LEU B 140 7.02 7.75 -14.64
C LEU B 140 6.29 7.41 -15.95
N PRO B 141 6.83 7.71 -17.15
CA PRO B 141 6.09 7.40 -18.39
C PRO B 141 5.73 5.94 -18.54
N GLU B 142 6.60 5.00 -18.10
CA GLU B 142 6.29 3.57 -18.21
C GLU B 142 5.04 3.23 -17.36
N MET B 143 4.93 3.86 -16.17
CA MET B 143 3.82 3.66 -15.25
C MET B 143 2.56 4.29 -15.84
N LEU B 144 2.68 5.51 -16.34
CA LEU B 144 1.52 6.19 -16.95
C LEU B 144 1.01 5.44 -18.16
N LYS B 145 1.91 4.85 -18.99
CA LYS B 145 1.51 4.17 -20.21
C LYS B 145 0.56 3.02 -19.92
N MET B 146 0.75 2.33 -18.78
CA MET B 146 -0.16 1.23 -18.44
C MET B 146 -1.58 1.74 -18.22
N PHE B 147 -1.71 2.91 -17.59
CA PHE B 147 -3.03 3.53 -17.37
C PHE B 147 -3.61 4.06 -18.67
N GLU B 148 -2.78 4.66 -19.50
CA GLU B 148 -3.21 5.14 -20.83
C GLU B 148 -3.79 3.97 -21.68
N ASP B 149 -3.14 2.82 -21.64
CA ASP B 149 -3.61 1.63 -22.37
C ASP B 149 -4.91 1.12 -21.77
N ARG B 150 -4.99 1.11 -20.42
CA ARG B 150 -6.20 0.68 -19.69
C ARG B 150 -7.42 1.51 -20.14
N LEU B 151 -7.20 2.80 -20.39
CA LEU B 151 -8.26 3.71 -20.78
C LEU B 151 -8.51 3.76 -22.29
N CYS B 152 -7.87 2.86 -23.08
CA CYS B 152 -8.05 2.77 -24.53
C CYS B 152 -9.49 2.55 -24.86
N HIS B 153 -10.12 1.58 -24.18
CA HIS B 153 -11.53 1.30 -24.45
C HIS B 153 -12.40 1.33 -23.21
N LYS B 154 -11.99 2.15 -22.21
CA LYS B 154 -12.69 2.32 -20.96
C LYS B 154 -12.75 3.79 -20.61
N THR B 155 -13.94 4.24 -20.17
CA THR B 155 -14.21 5.60 -19.75
C THR B 155 -13.53 5.85 -18.40
N TYR B 156 -13.67 4.91 -17.47
CA TYR B 156 -12.99 4.98 -16.18
C TYR B 156 -12.12 3.73 -16.04
N LEU B 157 -11.32 3.64 -14.95
CA LEU B 157 -10.40 2.52 -14.81
C LEU B 157 -11.05 1.16 -14.79
N ASN B 158 -12.29 1.04 -14.30
CA ASN B 158 -12.95 -0.26 -14.27
C ASN B 158 -14.12 -0.34 -15.27
N GLY B 159 -14.09 0.48 -16.32
CA GLY B 159 -15.15 0.46 -17.33
C GLY B 159 -16.06 1.67 -17.35
N ASP B 160 -17.37 1.44 -17.49
CA ASP B 160 -18.34 2.53 -17.58
C ASP B 160 -18.58 3.29 -16.27
N HIS B 161 -18.38 2.64 -15.11
CA HIS B 161 -18.69 3.27 -13.84
C HIS B 161 -17.48 3.59 -13.01
N VAL B 162 -17.59 4.65 -12.20
CA VAL B 162 -16.49 5.08 -11.35
C VAL B 162 -16.23 4.11 -10.20
N THR B 163 -14.95 3.92 -9.86
CA THR B 163 -14.51 3.15 -8.70
C THR B 163 -13.50 4.00 -7.91
N HIS B 164 -13.21 3.62 -6.66
CA HIS B 164 -12.30 4.41 -5.82
C HIS B 164 -10.90 4.57 -6.46
N PRO B 165 -10.32 3.61 -7.23
CA PRO B 165 -9.02 3.88 -7.87
C PRO B 165 -9.07 5.04 -8.86
N ASP B 166 -10.25 5.40 -9.41
CA ASP B 166 -10.34 6.57 -10.29
C ASP B 166 -9.95 7.85 -9.49
N PHE B 167 -10.42 7.97 -8.24
CA PHE B 167 -10.07 9.16 -7.43
C PHE B 167 -8.63 9.11 -6.95
N MET B 168 -8.10 7.89 -6.75
CA MET B 168 -6.68 7.76 -6.41
C MET B 168 -5.85 8.22 -7.64
N LEU B 169 -6.21 7.75 -8.86
CA LEU B 169 -5.46 8.14 -10.07
C LEU B 169 -5.57 9.63 -10.28
N TYR B 170 -6.78 10.20 -10.09
CA TYR B 170 -6.97 11.65 -10.25
C TYR B 170 -5.98 12.42 -9.31
N ASP B 171 -5.92 12.00 -8.05
CA ASP B 171 -5.00 12.62 -7.09
C ASP B 171 -3.53 12.44 -7.55
N ALA B 172 -3.13 11.24 -8.03
CA ALA B 172 -1.76 11.04 -8.49
C ALA B 172 -1.43 11.97 -9.67
N LEU B 173 -2.39 12.12 -10.61
CA LEU B 173 -2.18 12.98 -11.77
C LEU B 173 -2.09 14.44 -11.33
N ASP B 174 -2.94 14.86 -10.37
CA ASP B 174 -2.90 16.22 -9.83
C ASP B 174 -1.50 16.52 -9.26
N VAL B 175 -0.97 15.58 -8.49
CA VAL B 175 0.33 15.70 -7.86
C VAL B 175 1.50 15.66 -8.84
N VAL B 176 1.52 14.71 -9.81
CA VAL B 176 2.61 14.68 -10.77
C VAL B 176 2.54 15.91 -11.69
N LEU B 177 1.35 16.47 -11.94
CA LEU B 177 1.26 17.69 -12.77
C LEU B 177 1.87 18.91 -12.04
N TYR B 178 1.87 18.91 -10.69
CA TYR B 178 2.54 19.96 -9.93
C TYR B 178 4.09 19.78 -10.02
N MET B 179 4.56 18.54 -10.16
CA MET B 179 5.97 18.26 -10.34
C MET B 179 6.36 18.64 -11.78
N ASP B 180 5.50 18.35 -12.78
CA ASP B 180 5.73 18.73 -14.17
C ASP B 180 4.40 18.89 -14.87
N PRO B 181 3.98 20.15 -15.13
CA PRO B 181 2.68 20.40 -15.80
C PRO B 181 2.50 19.79 -17.17
N MET B 182 3.58 19.34 -17.82
CA MET B 182 3.46 18.78 -19.15
C MET B 182 3.68 17.25 -19.23
N CYS B 183 3.78 16.58 -18.07
CA CYS B 183 4.10 15.15 -18.02
C CYS B 183 3.00 14.26 -18.57
N LEU B 184 1.77 14.80 -18.78
CA LEU B 184 0.65 14.04 -19.36
C LEU B 184 0.36 14.36 -20.82
N ASP B 185 1.08 15.30 -21.42
CA ASP B 185 0.85 15.69 -22.80
C ASP B 185 0.93 14.52 -23.83
N ALA B 186 1.80 13.53 -23.61
CA ALA B 186 1.86 12.36 -24.52
C ALA B 186 0.84 11.27 -24.15
N PHE B 187 -0.01 11.53 -23.13
CA PHE B 187 -1.02 10.62 -22.65
C PHE B 187 -2.38 11.31 -22.70
N PRO B 188 -2.95 11.41 -23.91
CA PRO B 188 -4.23 12.10 -24.06
C PRO B 188 -5.40 11.45 -23.32
N LYS B 189 -5.43 10.10 -23.22
CA LYS B 189 -6.51 9.43 -22.48
C LYS B 189 -6.44 9.80 -21.01
N LEU B 190 -5.21 9.97 -20.44
CA LEU B 190 -5.05 10.40 -19.06
C LEU B 190 -5.47 11.87 -18.88
N VAL B 191 -5.13 12.75 -19.84
CA VAL B 191 -5.53 14.17 -19.82
C VAL B 191 -7.07 14.26 -19.82
N CYS B 192 -7.70 13.47 -20.71
CA CYS B 192 -9.14 13.42 -20.85
C CYS B 192 -9.79 12.83 -19.62
N PHE B 193 -9.17 11.82 -19.02
CA PHE B 193 -9.65 11.22 -17.77
C PHE B 193 -9.70 12.28 -16.67
N LYS B 194 -8.62 13.05 -16.49
CA LYS B 194 -8.57 14.07 -15.46
C LYS B 194 -9.67 15.11 -15.67
N LYS B 195 -9.87 15.50 -16.92
CA LYS B 195 -10.93 16.45 -17.26
C LYS B 195 -12.32 15.87 -17.01
N ARG B 196 -12.49 14.57 -17.31
CA ARG B 196 -13.75 13.86 -17.12
C ARG B 196 -14.10 13.81 -15.64
N ILE B 197 -13.10 13.56 -14.76
CA ILE B 197 -13.38 13.56 -13.31
C ILE B 197 -13.83 14.94 -12.86
N GLU B 198 -13.15 15.98 -13.36
CA GLU B 198 -13.51 17.36 -13.02
C GLU B 198 -14.88 17.79 -13.56
N ALA B 199 -15.35 17.10 -14.60
CA ALA B 199 -16.64 17.34 -15.22
C ALA B 199 -17.77 16.58 -14.49
N ILE B 200 -17.46 15.73 -13.48
CA ILE B 200 -18.50 15.06 -12.70
C ILE B 200 -19.12 16.19 -11.84
N PRO B 201 -20.40 16.49 -11.99
CA PRO B 201 -20.99 17.65 -11.30
C PRO B 201 -20.68 17.78 -9.81
N GLN B 202 -20.76 16.68 -9.05
CA GLN B 202 -20.50 16.76 -7.60
C GLN B 202 -19.02 17.00 -7.31
N ILE B 203 -18.12 16.56 -8.21
CA ILE B 203 -16.69 16.80 -8.08
C ILE B 203 -16.39 18.25 -8.39
N ASP B 204 -16.97 18.77 -9.47
CA ASP B 204 -16.83 20.18 -9.88
C ASP B 204 -17.26 21.11 -8.75
N LYS B 205 -18.41 20.79 -8.13
CA LYS B 205 -18.98 21.58 -7.03
C LYS B 205 -18.02 21.59 -5.83
N TYR B 206 -17.48 20.45 -5.49
CA TYR B 206 -16.52 20.31 -4.39
C TYR B 206 -15.23 21.11 -4.67
N LEU B 207 -14.68 21.01 -5.90
CA LEU B 207 -13.45 21.71 -6.29
C LEU B 207 -13.59 23.22 -6.25
N LYS B 208 -14.80 23.74 -6.46
CA LYS B 208 -15.03 25.18 -6.37
C LYS B 208 -15.58 25.60 -4.98
N SER B 209 -15.54 24.69 -3.97
CA SER B 209 -16.04 24.94 -2.63
C SER B 209 -14.96 25.34 -1.61
N SER B 210 -15.39 25.91 -0.47
CA SER B 210 -14.57 26.29 0.68
C SER B 210 -13.99 25.03 1.40
N LYS B 211 -14.51 23.82 1.11
CA LYS B 211 -14.04 22.57 1.70
C LYS B 211 -12.81 21.97 0.98
N TYR B 212 -12.56 22.41 -0.25
CA TYR B 212 -11.43 21.94 -1.04
C TYR B 212 -10.13 22.51 -0.50
N ILE B 213 -9.13 21.63 -0.32
CA ILE B 213 -7.80 22.02 0.14
C ILE B 213 -6.89 21.81 -1.06
N ALA B 214 -6.39 22.90 -1.65
CA ALA B 214 -5.56 22.82 -2.85
C ALA B 214 -4.10 22.48 -2.57
N TRP B 215 -3.63 22.86 -1.38
CA TRP B 215 -2.23 22.75 -0.99
C TRP B 215 -2.16 22.78 0.54
N PRO B 216 -1.10 22.22 1.16
CA PRO B 216 0.04 21.50 0.58
C PRO B 216 -0.31 20.10 0.06
N LEU B 217 0.65 19.44 -0.61
CA LEU B 217 0.44 18.08 -1.10
C LEU B 217 1.05 17.07 -0.12
N GLN B 218 2.25 17.37 0.41
CA GLN B 218 3.00 16.42 1.26
C GLN B 218 3.23 16.83 2.70
N GLY B 219 2.77 17.99 3.09
CA GLY B 219 3.07 18.49 4.43
C GLY B 219 3.99 19.68 4.27
N TRP B 220 3.81 20.66 5.13
CA TRP B 220 4.43 21.96 5.08
C TRP B 220 5.96 22.03 4.98
N GLN B 221 6.70 21.08 5.58
CA GLN B 221 8.16 21.14 5.52
C GLN B 221 8.78 20.24 4.44
N ALA B 222 7.98 19.65 3.55
CA ALA B 222 8.53 18.80 2.49
C ALA B 222 9.25 19.61 1.42
N THR B 223 10.32 19.07 0.84
CA THR B 223 11.04 19.75 -0.23
C THR B 223 10.14 19.93 -1.45
N PHE B 224 9.33 18.91 -1.76
CA PHE B 224 8.35 18.99 -2.83
C PHE B 224 6.95 18.91 -2.23
N GLY B 225 6.02 19.70 -2.76
CA GLY B 225 4.65 19.67 -2.28
C GLY B 225 4.45 20.26 -0.90
N GLY B 226 5.43 21.07 -0.45
CA GLY B 226 5.36 21.72 0.85
C GLY B 226 5.12 23.21 0.76
N GLY B 227 5.23 23.90 1.89
CA GLY B 227 5.00 25.34 1.93
C GLY B 227 3.53 25.66 2.11
N ASP B 228 3.22 26.91 2.46
CA ASP B 228 1.85 27.33 2.67
C ASP B 228 1.05 27.48 1.38
N HIS B 229 1.72 27.82 0.28
CA HIS B 229 1.07 28.00 -1.01
C HIS B 229 1.94 27.38 -2.14
N PRO B 230 1.36 27.07 -3.32
CA PRO B 230 2.18 26.45 -4.38
C PRO B 230 3.19 27.35 -5.08
#